data_6FKY
#
_entry.id   6FKY
#
_cell.length_a   87.134
_cell.length_b   87.134
_cell.length_c   316.677
_cell.angle_alpha   90.00
_cell.angle_beta   90.00
_cell.angle_gamma   120.00
#
_symmetry.space_group_name_H-M   'P 65 2 2'
#
loop_
_entity.id
_entity.type
_entity.pdbx_description
1 polymer 'NAD-dependent protein deacylase sirtuin-5, mitochondrial'
2 polymer '3(R)-(phenylthio)succinyl-CPS1 peptide'
3 non-polymer 'ZINC ION'
4 non-polymer '4-(2-HYDROXYETHYL)-1-PIPERAZINE ETHANESULFONIC ACID'
5 non-polymer 'SODIUM ION'
6 non-polymer 1,2-ETHANEDIOL
7 non-polymer '(2~{R})-2-(phenylmethylsulfanyl)butanedioic acid'
8 non-polymer '(2~{S})-2-(phenylmethylsulfanyl)butanedioic acid'
9 water water
#
loop_
_entity_poly.entity_id
_entity_poly.type
_entity_poly.pdbx_seq_one_letter_code
_entity_poly.pdbx_strand_id
1 'polypeptide(L)'
;GIDPFTKMTRPSSDLTAFREHFAKAKHIAIITGAGVSAESGVPTFRGPGGFWRKWQAQDLATPEAFSRDPSLVWEFYHYR
REVMRSKMPNPAHLAIAECEARLGQQGRSVVIITQNIDELHHRAGSKHVYEIHGSLFKTRCMSCGEVKANHKSPICPALD
GKGAPDPNTKEARIPVELLPRCERKSCNGLLRPHVVWFGETLDSDILTAVERELEKCDLCLVVGTSSIVYPAAMFAPQVA
SRGVPVAEFNMECTPATQRFKYHFEGPCGSTLPPALERHESEAV
;
A,B
2 'polypeptide(L)' (GZB)VLKEYGV C,I
#
# COMPACT_ATOMS: atom_id res chain seq x y z
N ASP A 14 11.94 5.34 23.80
CA ASP A 14 10.64 5.08 24.49
C ASP A 14 9.43 5.63 23.70
N LEU A 15 8.69 4.68 23.15
CA LEU A 15 7.49 4.87 22.31
C LEU A 15 6.39 5.67 22.95
N THR A 16 6.06 5.38 24.21
CA THR A 16 4.90 6.03 24.79
C THR A 16 5.18 7.54 24.97
N ALA A 17 6.44 7.94 25.09
CA ALA A 17 6.79 9.38 25.13
C ALA A 17 6.63 10.05 23.76
N PHE A 18 7.07 9.37 22.71
CA PHE A 18 6.83 9.79 21.33
C PHE A 18 5.34 10.00 21.07
N ARG A 19 4.54 9.05 21.51
CA ARG A 19 3.10 9.06 21.29
C ARG A 19 2.44 10.25 21.96
N GLU A 20 2.93 10.65 23.12
CA GLU A 20 2.42 11.86 23.76
C GLU A 20 2.57 13.08 22.86
N HIS A 21 3.71 13.22 22.18
CA HIS A 21 3.87 14.34 21.23
C HIS A 21 2.95 14.20 20.05
N PHE A 22 2.94 13.00 19.49
CA PHE A 22 2.07 12.65 18.37
C PHE A 22 0.63 13.05 18.63
N ALA A 23 0.15 12.68 19.82
CA ALA A 23 -1.19 13.05 20.34
C ALA A 23 -1.47 14.51 20.20
N LYS A 24 -0.53 15.33 20.64
CA LYS A 24 -0.67 16.79 20.61
C LYS A 24 -0.48 17.42 19.23
N ALA A 25 0.59 17.03 18.55
CA ALA A 25 1.02 17.62 17.26
C ALA A 25 -0.04 18.08 16.26
N LYS A 26 0.07 19.33 15.77
CA LYS A 26 -0.83 19.87 14.75
C LYS A 26 -0.27 20.09 13.34
N HIS A 27 1.04 20.25 13.21
CA HIS A 27 1.66 20.35 11.89
C HIS A 27 2.86 19.42 11.94
N ILE A 28 2.74 18.23 11.34
CA ILE A 28 3.78 17.20 11.35
C ILE A 28 4.51 17.14 10.00
N ALA A 29 5.84 17.13 10.03
CA ALA A 29 6.57 16.98 8.78
C ALA A 29 7.24 15.64 8.79
N ILE A 30 7.17 14.94 7.68
CA ILE A 30 7.79 13.62 7.58
C ILE A 30 8.73 13.60 6.39
N ILE A 31 9.99 13.37 6.67
CA ILE A 31 11.06 13.38 5.69
C ILE A 31 11.41 11.92 5.43
N THR A 32 11.25 11.48 4.19
CA THR A 32 11.55 10.11 3.84
C THR A 32 12.75 9.97 2.92
N GLY A 33 13.61 9.03 3.31
CA GLY A 33 14.82 8.71 2.59
C GLY A 33 14.70 7.40 1.86
N ALA A 34 15.84 6.94 1.36
CA ALA A 34 15.85 5.74 0.52
C ALA A 34 15.45 4.40 1.21
N GLY A 35 15.55 4.34 2.53
CA GLY A 35 15.25 3.12 3.28
C GLY A 35 13.85 2.58 3.06
N VAL A 36 12.92 3.52 2.84
CA VAL A 36 11.52 3.14 2.76
C VAL A 36 11.20 2.63 1.37
N SER A 37 11.83 3.19 0.34
CA SER A 37 11.69 2.65 -1.00
C SER A 37 12.41 1.27 -1.09
N ALA A 38 13.50 1.15 -0.33
CA ALA A 38 14.26 -0.08 -0.31
C ALA A 38 13.39 -1.24 0.20
N GLU A 39 12.64 -1.00 1.27
CA GLU A 39 11.75 -2.00 1.88
C GLU A 39 10.62 -2.51 0.99
N SER A 40 10.26 -1.77 -0.05
CA SER A 40 9.34 -2.22 -1.07
C SER A 40 10.08 -2.91 -2.20
N GLY A 41 11.39 -3.08 -2.08
CA GLY A 41 12.20 -3.74 -3.08
C GLY A 41 12.61 -2.93 -4.28
N VAL A 42 12.60 -1.61 -4.16
CA VAL A 42 13.05 -0.74 -5.25
C VAL A 42 14.54 -0.75 -5.17
N PRO A 43 15.22 -0.96 -6.30
CA PRO A 43 16.69 -0.77 -6.31
C PRO A 43 17.09 0.70 -6.20
N THR A 44 18.09 0.98 -5.38
CA THR A 44 18.62 2.34 -5.24
C THR A 44 19.98 2.51 -5.90
N PHE A 45 20.61 1.45 -6.42
CA PHE A 45 21.89 1.58 -7.09
C PHE A 45 23.06 2.27 -6.34
N ARG A 46 22.98 2.25 -4.99
CA ARG A 46 23.90 2.89 -4.06
C ARG A 46 24.64 1.86 -3.21
N GLY A 47 25.85 2.19 -2.78
CA GLY A 47 26.71 1.25 -2.05
C GLY A 47 27.08 0.02 -2.88
N PRO A 48 27.97 -0.83 -2.31
CA PRO A 48 28.46 -1.98 -3.09
C PRO A 48 27.42 -3.11 -3.22
N GLY A 49 27.03 -3.37 -4.46
CA GLY A 49 25.99 -4.35 -4.76
C GLY A 49 25.00 -3.83 -5.79
N GLY A 50 24.62 -2.56 -5.65
CA GLY A 50 23.66 -1.91 -6.55
C GLY A 50 24.36 -1.43 -7.82
N PHE A 51 24.39 -2.29 -8.84
CA PHE A 51 24.91 -1.99 -10.18
C PHE A 51 23.78 -2.20 -11.20
N TRP A 52 23.86 -1.51 -12.33
CA TRP A 52 22.99 -1.76 -13.46
C TRP A 52 23.94 -1.93 -14.62
N ARG A 53 23.97 -3.15 -15.14
CA ARG A 53 24.99 -3.54 -16.06
C ARG A 53 26.36 -3.26 -15.41
N LYS A 54 27.22 -2.52 -16.11
CA LYS A 54 28.61 -2.29 -15.66
C LYS A 54 28.64 -1.17 -14.61
N TRP A 55 27.61 -0.30 -14.57
CA TRP A 55 27.65 0.99 -13.86
C TRP A 55 26.80 1.10 -12.61
N GLN A 56 27.06 2.17 -11.86
CA GLN A 56 26.30 2.54 -10.66
C GLN A 56 25.60 3.85 -10.94
N ALA A 57 24.73 4.27 -10.01
CA ALA A 57 23.94 5.50 -10.16
C ALA A 57 24.79 6.69 -10.58
N GLN A 58 25.87 6.89 -9.83
CA GLN A 58 26.82 7.97 -10.02
C GLN A 58 27.27 8.15 -11.45
N ASP A 59 27.42 7.05 -12.17
CA ASP A 59 27.92 7.11 -13.53
C ASP A 59 26.88 7.60 -14.52
N LEU A 60 25.62 7.30 -14.26
CA LEU A 60 24.56 7.56 -15.27
C LEU A 60 23.69 8.73 -14.93
N ALA A 61 23.55 8.99 -13.63
CA ALA A 61 22.67 10.04 -13.14
C ALA A 61 23.30 11.46 -13.14
N THR A 62 23.79 11.91 -14.29
CA THR A 62 24.47 13.21 -14.40
C THR A 62 24.10 13.81 -15.70
N PRO A 63 24.23 15.13 -15.83
CA PRO A 63 24.00 15.74 -17.15
C PRO A 63 25.06 15.37 -18.22
N GLU A 64 26.27 15.05 -17.75
CA GLU A 64 27.38 14.61 -18.59
C GLU A 64 27.00 13.32 -19.29
N ALA A 65 26.60 12.32 -18.51
CA ALA A 65 26.25 11.01 -19.06
C ALA A 65 25.09 11.11 -20.08
N PHE A 66 24.14 12.01 -19.79
CA PHE A 66 22.96 12.18 -20.64
C PHE A 66 23.30 12.84 -21.94
N SER A 67 24.06 13.91 -21.88
CA SER A 67 24.63 14.55 -23.06
C SER A 67 25.50 13.58 -23.91
N ARG A 68 26.30 12.75 -23.24
CA ARG A 68 27.24 11.82 -23.90
C ARG A 68 26.61 10.53 -24.38
N ASP A 69 25.50 10.08 -23.78
CA ASP A 69 24.85 8.84 -24.24
C ASP A 69 23.40 8.79 -23.76
N PRO A 70 22.54 9.63 -24.32
CA PRO A 70 21.15 9.61 -23.83
C PRO A 70 20.41 8.26 -23.96
N SER A 71 20.75 7.43 -24.95
CA SER A 71 20.05 6.15 -25.08
C SER A 71 20.39 5.29 -23.89
N LEU A 72 21.65 5.28 -23.48
CA LEU A 72 22.06 4.48 -22.33
C LEU A 72 21.33 4.92 -21.05
N VAL A 73 21.25 6.23 -20.84
CA VAL A 73 20.63 6.75 -19.62
C VAL A 73 19.14 6.47 -19.64
N TRP A 74 18.45 6.83 -20.72
CA TRP A 74 17.04 6.45 -20.87
C TRP A 74 16.80 4.95 -20.71
N GLU A 75 17.73 4.12 -21.18
CA GLU A 75 17.60 2.68 -20.96
C GLU A 75 17.49 2.41 -19.45
N PHE A 76 18.44 2.96 -18.72
CA PHE A 76 18.50 2.88 -17.24
C PHE A 76 17.23 3.41 -16.57
N TYR A 77 16.81 4.62 -16.99
CA TYR A 77 15.63 5.20 -16.43
C TYR A 77 14.37 4.39 -16.87
N HIS A 78 14.31 3.92 -18.13
CA HIS A 78 13.22 2.98 -18.55
C HIS A 78 13.12 1.76 -17.64
N TYR A 79 14.24 1.13 -17.37
CA TYR A 79 14.27 -0.03 -16.48
C TYR A 79 13.66 0.28 -15.12
N ARG A 80 14.01 1.43 -14.58
CA ARG A 80 13.62 1.78 -13.23
C ARG A 80 12.15 2.09 -13.17
N ARG A 81 11.65 2.73 -14.24
CA ARG A 81 10.21 3.00 -14.41
C ARG A 81 9.44 1.70 -14.42
N GLU A 82 9.95 0.75 -15.20
CA GLU A 82 9.28 -0.53 -15.38
C GLU A 82 9.35 -1.43 -14.18
N VAL A 83 10.46 -1.49 -13.44
CA VAL A 83 10.42 -2.33 -12.23
C VAL A 83 9.34 -1.90 -11.25
N MET A 84 8.86 -0.66 -11.34
CA MET A 84 7.84 -0.21 -10.41
C MET A 84 6.46 -0.82 -10.64
N ARG A 85 6.21 -1.48 -11.78
CA ARG A 85 4.90 -2.11 -12.01
C ARG A 85 4.66 -3.28 -11.05
N SER A 86 5.77 -3.89 -10.59
CA SER A 86 5.69 -4.97 -9.60
C SER A 86 6.03 -4.55 -8.15
N LYS A 87 6.73 -3.44 -7.89
CA LYS A 87 7.02 -3.07 -6.48
C LYS A 87 5.90 -2.23 -5.96
N MET A 88 5.41 -2.55 -4.76
CA MET A 88 4.23 -1.88 -4.19
C MET A 88 4.55 -1.11 -2.90
N PRO A 89 3.70 -0.15 -2.52
CA PRO A 89 3.87 0.51 -1.23
C PRO A 89 3.90 -0.49 -0.12
N ASN A 90 4.77 -0.25 0.87
CA ASN A 90 4.84 -1.06 2.07
C ASN A 90 4.07 -0.42 3.20
N PRO A 91 3.94 -1.11 4.34
CA PRO A 91 3.13 -0.57 5.46
C PRO A 91 3.52 0.84 5.98
N ALA A 92 4.82 1.16 5.87
CA ALA A 92 5.33 2.50 6.21
C ALA A 92 4.67 3.51 5.30
N HIS A 93 4.73 3.31 3.97
CA HIS A 93 4.03 4.19 3.01
C HIS A 93 2.56 4.39 3.39
N LEU A 94 1.93 3.28 3.66
CA LEU A 94 0.52 3.28 3.93
C LEU A 94 0.17 3.93 5.24
N ALA A 95 0.92 3.65 6.28
CA ALA A 95 0.60 4.22 7.59
C ALA A 95 0.70 5.77 7.57
N ILE A 96 1.65 6.25 6.78
CA ILE A 96 1.88 7.67 6.60
C ILE A 96 0.71 8.24 5.86
N ALA A 97 0.27 7.59 4.78
CA ALA A 97 -0.89 8.09 4.03
C ALA A 97 -2.18 8.10 4.86
N GLU A 98 -2.36 7.10 5.70
CA GLU A 98 -3.60 6.94 6.40
C GLU A 98 -3.55 7.93 7.52
N CYS A 99 -2.38 8.12 8.10
CA CYS A 99 -2.17 9.14 9.12
C CYS A 99 -2.52 10.54 8.60
N GLU A 100 -1.97 10.88 7.44
CA GLU A 100 -2.23 12.15 6.79
C GLU A 100 -3.70 12.37 6.69
N ALA A 101 -4.40 11.36 6.17
CA ALA A 101 -5.84 11.44 5.92
C ALA A 101 -6.60 11.60 7.22
N ARG A 102 -6.33 10.74 8.18
CA ARG A 102 -7.00 10.78 9.48
C ARG A 102 -6.80 12.14 10.16
N LEU A 103 -5.55 12.60 10.25
CA LEU A 103 -5.29 13.90 10.89
C LEU A 103 -5.88 15.06 10.10
N GLY A 104 -5.91 14.94 8.78
CA GLY A 104 -6.51 15.94 7.90
C GLY A 104 -7.92 16.24 8.30
N GLN A 105 -8.73 15.19 8.50
CA GLN A 105 -10.12 15.29 8.97
C GLN A 105 -10.25 16.01 10.30
N GLN A 106 -9.27 15.78 11.20
CA GLN A 106 -9.17 16.48 12.47
C GLN A 106 -8.61 17.91 12.38
N GLY A 107 -8.36 18.44 11.19
CA GLY A 107 -7.76 19.78 11.07
C GLY A 107 -6.30 19.91 11.49
N ARG A 108 -5.64 18.78 11.72
CA ARG A 108 -4.20 18.74 11.93
C ARG A 108 -3.62 18.52 10.56
N SER A 109 -2.30 18.61 10.42
CA SER A 109 -1.72 18.43 9.10
C SER A 109 -0.38 17.69 9.02
N VAL A 110 -0.17 17.09 7.84
CA VAL A 110 0.94 16.17 7.57
C VAL A 110 1.49 16.43 6.16
N VAL A 111 2.80 16.71 6.10
CA VAL A 111 3.55 16.89 4.86
C VAL A 111 4.61 15.85 4.74
N ILE A 112 4.85 15.44 3.51
CA ILE A 112 5.88 14.49 3.20
C ILE A 112 6.87 15.19 2.30
N ILE A 113 8.13 15.01 2.66
CA ILE A 113 9.25 15.61 1.99
C ILE A 113 10.10 14.41 1.72
N THR A 114 10.12 13.98 0.49
CA THR A 114 10.82 12.74 0.17
C THR A 114 11.96 13.01 -0.79
N GLN A 115 13.09 12.33 -0.55
CA GLN A 115 14.18 12.30 -1.53
C GLN A 115 13.99 11.22 -2.61
N ASN A 116 12.88 10.45 -2.49
CA ASN A 116 12.65 9.29 -3.34
C ASN A 116 11.92 9.72 -4.59
N ILE A 117 12.13 8.95 -5.66
CA ILE A 117 11.61 9.34 -6.99
C ILE A 117 10.65 8.36 -7.62
N ASP A 118 10.06 7.49 -6.81
CA ASP A 118 9.35 6.31 -7.32
C ASP A 118 7.83 6.42 -7.18
N GLU A 119 7.37 7.52 -6.60
CA GLU A 119 5.94 7.81 -6.43
C GLU A 119 5.23 6.85 -5.51
N LEU A 120 5.94 6.04 -4.70
CA LEU A 120 5.25 5.18 -3.80
C LEU A 120 4.37 5.91 -2.75
N HIS A 121 4.75 7.11 -2.35
CA HIS A 121 3.89 7.88 -1.43
C HIS A 121 2.56 8.24 -2.09
N HIS A 122 2.57 8.59 -3.39
CA HIS A 122 1.36 8.99 -4.12
CA HIS A 122 1.35 8.99 -4.15
C HIS A 122 0.46 7.78 -4.30
N ARG A 123 1.10 6.64 -4.57
CA ARG A 123 0.45 5.36 -4.72
C ARG A 123 -0.03 4.74 -3.41
N ALA A 124 0.47 5.17 -2.27
CA ALA A 124 -0.14 4.75 -1.02
C ALA A 124 -1.32 5.64 -0.65
N GLY A 125 -1.45 6.75 -1.35
CA GLY A 125 -2.49 7.73 -1.04
C GLY A 125 -2.07 8.98 -0.33
N SER A 126 -0.78 9.19 -0.16
CA SER A 126 -0.30 10.47 0.39
C SER A 126 -0.60 11.56 -0.68
N LYS A 127 -0.83 12.80 -0.22
CA LYS A 127 -1.23 13.93 -1.11
C LYS A 127 -0.36 15.16 -0.96
N HIS A 128 -0.16 15.62 0.26
CA HIS A 128 0.73 16.73 0.48
C HIS A 128 2.15 16.18 0.54
N VAL A 129 2.70 15.83 -0.62
CA VAL A 129 4.04 15.26 -0.78
C VAL A 129 4.89 16.25 -1.52
N TYR A 130 6.14 16.50 -1.10
CA TYR A 130 7.07 17.31 -1.86
C TYR A 130 8.22 16.43 -2.35
N GLU A 131 8.36 16.25 -3.68
CA GLU A 131 9.41 15.35 -4.24
C GLU A 131 10.64 16.26 -4.55
N ILE A 132 11.61 16.29 -3.63
CA ILE A 132 12.74 17.20 -3.76
C ILE A 132 13.74 16.75 -4.80
N HIS A 133 13.77 15.46 -5.11
CA HIS A 133 14.65 14.99 -6.19
C HIS A 133 13.85 14.67 -7.45
N GLY A 134 12.58 15.02 -7.47
CA GLY A 134 11.78 14.87 -8.68
C GLY A 134 11.18 13.49 -8.78
N SER A 135 10.96 13.00 -10.00
CA SER A 135 10.22 11.78 -10.21
C SER A 135 10.55 11.01 -11.50
N LEU A 136 10.66 9.70 -11.37
CA LEU A 136 10.79 8.82 -12.50
C LEU A 136 9.64 8.91 -13.47
N PHE A 137 8.48 9.38 -13.03
CA PHE A 137 7.31 9.46 -13.87
C PHE A 137 6.90 10.90 -14.08
N LYS A 138 7.92 11.72 -14.29
CA LYS A 138 7.78 13.04 -14.86
C LYS A 138 8.88 13.22 -15.86
N THR A 139 8.59 13.92 -16.95
CA THR A 139 9.62 14.33 -17.89
C THR A 139 9.77 15.87 -17.87
N ARG A 140 10.94 16.32 -18.30
CA ARG A 140 11.16 17.75 -18.59
C ARG A 140 11.71 17.82 -20.02
N CYS A 141 11.21 18.77 -20.81
CA CYS A 141 11.70 18.97 -22.15
C CYS A 141 13.07 19.68 -22.11
N MET A 142 14.07 19.08 -22.75
CA MET A 142 15.32 19.76 -22.96
C MET A 142 15.13 21.05 -23.72
N SER A 143 14.15 21.16 -24.60
CA SER A 143 14.03 22.39 -25.39
C SER A 143 13.19 23.41 -24.68
N CYS A 144 11.90 23.15 -24.48
CA CYS A 144 10.97 24.12 -23.83
C CYS A 144 10.81 24.01 -22.33
N GLY A 145 11.53 23.12 -21.64
CA GLY A 145 11.46 23.01 -20.17
C GLY A 145 10.14 22.59 -19.49
N GLU A 146 9.14 22.12 -20.25
CA GLU A 146 7.82 21.75 -19.73
C GLU A 146 7.87 20.46 -18.95
N VAL A 147 7.30 20.49 -17.74
CA VAL A 147 7.27 19.31 -16.88
C VAL A 147 5.94 18.66 -17.07
N LYS A 148 5.93 17.36 -17.31
CA LYS A 148 4.70 16.65 -17.62
C LYS A 148 4.73 15.27 -16.98
N ALA A 149 3.57 14.86 -16.44
CA ALA A 149 3.46 13.54 -15.79
C ALA A 149 3.51 12.54 -16.88
N ASN A 150 4.08 11.38 -16.62
CA ASN A 150 4.10 10.33 -17.62
C ASN A 150 4.31 8.94 -17.03
N HIS A 151 3.35 8.04 -17.21
CA HIS A 151 3.52 6.62 -16.81
C HIS A 151 3.42 5.61 -17.96
N LYS A 152 3.07 6.12 -19.14
CA LYS A 152 3.25 5.46 -20.47
C LYS A 152 4.30 4.36 -20.41
N SER A 153 3.88 3.11 -20.65
CA SER A 153 4.74 1.95 -20.48
C SER A 153 4.69 1.08 -21.72
N PRO A 154 5.68 1.10 -22.62
CA PRO A 154 6.90 1.83 -22.48
C PRO A 154 6.73 3.31 -22.85
N ILE A 155 7.54 4.14 -22.18
CA ILE A 155 7.52 5.59 -22.38
C ILE A 155 7.55 5.98 -23.86
N CYS A 156 8.23 5.15 -24.68
CA CYS A 156 8.16 5.25 -26.10
C CYS A 156 8.50 3.87 -26.70
N PRO A 157 8.07 3.62 -27.97
CA PRO A 157 8.27 2.32 -28.59
C PRO A 157 9.74 1.90 -28.65
N ALA A 158 10.61 2.74 -29.20
CA ALA A 158 12.02 2.36 -29.36
C ALA A 158 12.66 1.72 -28.10
N LEU A 159 12.14 2.05 -26.91
CA LEU A 159 12.62 1.46 -25.64
C LEU A 159 11.94 0.15 -25.21
N ASP A 160 10.99 -0.33 -26.01
CA ASP A 160 10.11 -1.41 -25.56
C ASP A 160 10.92 -2.68 -25.31
N GLY A 161 10.81 -3.21 -24.10
CA GLY A 161 11.66 -4.33 -23.69
C GLY A 161 13.15 -4.09 -23.65
N LYS A 162 13.58 -2.82 -23.55
CA LYS A 162 14.98 -2.47 -23.47
C LYS A 162 15.31 -2.25 -22.00
N GLY A 163 16.51 -1.75 -21.75
CA GLY A 163 16.96 -1.43 -20.41
C GLY A 163 17.22 -2.63 -19.52
N ALA A 164 17.40 -3.79 -20.13
CA ALA A 164 17.64 -5.00 -19.38
C ALA A 164 18.91 -4.85 -18.53
N PRO A 165 18.85 -5.25 -17.23
CA PRO A 165 19.93 -5.00 -16.23
C PRO A 165 21.16 -5.93 -16.20
N ASP A 166 21.17 -6.98 -17.05
CA ASP A 166 22.30 -7.90 -17.07
C ASP A 166 23.62 -7.23 -17.65
N PRO A 167 24.75 -7.33 -16.89
CA PRO A 167 26.09 -6.72 -17.19
C PRO A 167 26.59 -6.74 -18.64
N ASN A 168 26.30 -7.84 -19.32
CA ASN A 168 26.70 -8.07 -20.72
C ASN A 168 25.44 -8.21 -21.59
N THR A 169 24.43 -7.37 -21.30
CA THR A 169 23.36 -7.08 -22.25
C THR A 169 23.97 -6.15 -23.32
N LYS A 170 23.49 -6.26 -24.55
CA LYS A 170 23.93 -5.36 -25.60
C LYS A 170 23.12 -4.07 -25.56
N GLU A 171 23.83 -2.96 -25.83
CA GLU A 171 23.22 -1.62 -25.78
C GLU A 171 22.16 -1.52 -26.89
N ALA A 172 21.11 -0.77 -26.61
CA ALA A 172 20.03 -0.50 -27.57
C ALA A 172 20.43 0.49 -28.64
N ARG A 173 21.27 1.48 -28.27
CA ARG A 173 21.86 2.48 -29.19
C ARG A 173 20.77 3.15 -30.02
N ILE A 174 19.73 3.59 -29.32
CA ILE A 174 18.55 4.19 -29.94
C ILE A 174 18.94 5.56 -30.51
N PRO A 175 18.61 5.80 -31.78
CA PRO A 175 18.81 7.13 -32.30
C PRO A 175 18.05 8.15 -31.46
N VAL A 176 18.71 9.27 -31.20
CA VAL A 176 18.14 10.28 -30.32
C VAL A 176 16.82 10.87 -30.79
N GLU A 177 16.62 10.91 -32.11
CA GLU A 177 15.32 11.36 -32.63
C GLU A 177 14.17 10.49 -32.12
N LEU A 178 14.40 9.19 -31.94
CA LEU A 178 13.38 8.21 -31.49
C LEU A 178 13.25 7.99 -29.96
N LEU A 179 14.15 8.58 -29.19
CA LEU A 179 14.02 8.65 -27.72
C LEU A 179 12.77 9.46 -27.38
N PRO A 180 12.39 9.52 -26.10
CA PRO A 180 11.10 10.14 -25.84
C PRO A 180 11.15 11.65 -26.12
N ARG A 181 10.12 12.19 -26.78
CA ARG A 181 10.12 13.59 -27.24
C ARG A 181 8.89 14.34 -26.80
N CYS A 182 9.00 15.65 -26.86
CA CYS A 182 7.98 16.57 -26.39
C CYS A 182 6.78 16.55 -27.30
N GLU A 183 5.60 16.56 -26.70
CA GLU A 183 4.33 16.33 -27.40
C GLU A 183 3.86 17.57 -28.17
N ARG A 184 4.25 18.78 -27.73
CA ARG A 184 3.91 20.02 -28.42
C ARG A 184 4.68 19.97 -29.72
N LYS A 185 4.01 19.97 -30.88
CA LYS A 185 4.68 19.63 -32.17
C LYS A 185 5.51 20.77 -32.77
N SER A 186 5.13 22.00 -32.45
CA SER A 186 6.06 23.16 -32.48
C SER A 186 7.47 22.76 -32.04
N CYS A 187 7.55 22.11 -30.87
CA CYS A 187 8.80 21.79 -30.18
C CYS A 187 9.54 20.51 -30.63
N ASN A 188 8.86 19.36 -30.51
CA ASN A 188 9.48 18.02 -30.59
C ASN A 188 10.83 17.90 -29.85
N GLY A 189 10.97 18.56 -28.71
CA GLY A 189 12.20 18.54 -27.96
C GLY A 189 12.49 17.21 -27.36
N LEU A 190 13.75 17.00 -26.96
CA LEU A 190 14.20 15.75 -26.31
C LEU A 190 13.82 15.79 -24.84
N LEU A 191 13.18 14.75 -24.35
CA LEU A 191 12.81 14.72 -22.97
C LEU A 191 13.89 14.03 -22.19
N ARG A 192 13.91 14.39 -20.91
CA ARG A 192 14.75 13.75 -19.91
C ARG A 192 13.88 13.43 -18.71
N PRO A 193 14.35 12.50 -17.86
CA PRO A 193 13.61 12.26 -16.63
C PRO A 193 13.72 13.46 -15.74
N HIS A 194 12.61 13.88 -15.14
CA HIS A 194 12.60 15.07 -14.31
C HIS A 194 13.04 14.68 -12.91
N VAL A 195 14.32 14.38 -12.84
CA VAL A 195 14.95 13.82 -11.65
C VAL A 195 16.18 14.71 -11.45
N VAL A 196 16.48 15.06 -10.20
CA VAL A 196 17.67 15.84 -9.94
C VAL A 196 18.91 14.95 -9.96
N TRP A 197 19.84 15.29 -10.88
CA TRP A 197 21.05 14.52 -11.11
C TRP A 197 22.22 15.03 -10.27
N PHE A 198 23.30 14.24 -10.24
CA PHE A 198 24.48 14.60 -9.45
C PHE A 198 25.10 15.84 -10.05
N GLY A 199 25.36 16.81 -9.18
CA GLY A 199 25.83 18.11 -9.60
C GLY A 199 24.81 19.04 -10.24
N GLU A 200 23.51 18.82 -10.03
CA GLU A 200 22.48 19.85 -10.37
C GLU A 200 21.89 20.40 -9.09
N THR A 201 21.12 21.46 -9.22
CA THR A 201 20.62 22.09 -8.02
C THR A 201 19.19 21.72 -7.75
N LEU A 202 18.83 21.68 -6.51
CA LEU A 202 17.45 21.50 -6.12
C LEU A 202 16.61 22.70 -6.53
N ASP A 203 15.35 22.47 -6.84
CA ASP A 203 14.42 23.54 -7.22
C ASP A 203 14.25 24.51 -6.07
N SER A 204 14.49 25.80 -6.31
CA SER A 204 14.43 26.78 -5.22
C SER A 204 13.04 27.02 -4.59
N ASP A 205 11.98 27.04 -5.40
CA ASP A 205 10.59 27.12 -4.90
C ASP A 205 10.21 26.00 -3.94
N ILE A 206 10.54 24.76 -4.32
CA ILE A 206 10.28 23.61 -3.44
C ILE A 206 10.98 23.87 -2.10
N LEU A 207 12.27 24.23 -2.12
CA LEU A 207 12.95 24.52 -0.87
C LEU A 207 12.29 25.61 -0.07
N THR A 208 11.71 26.60 -0.72
CA THR A 208 11.03 27.71 0.01
C THR A 208 9.77 27.26 0.72
N ALA A 209 9.05 26.35 0.06
CA ALA A 209 7.87 25.76 0.65
C ALA A 209 8.26 24.86 1.85
N VAL A 210 9.30 24.07 1.67
CA VAL A 210 9.68 23.12 2.69
C VAL A 210 10.14 23.91 3.93
N GLU A 211 10.83 25.01 3.68
CA GLU A 211 11.26 25.89 4.73
C GLU A 211 10.03 26.37 5.48
N ARG A 212 9.05 26.86 4.71
CA ARG A 212 7.82 27.33 5.31
C ARG A 212 7.19 26.22 6.16
N GLU A 213 7.11 24.98 5.63
CA GLU A 213 6.48 23.86 6.33
C GLU A 213 7.24 23.46 7.55
N LEU A 214 8.55 23.46 7.46
CA LEU A 214 9.35 23.14 8.65
C LEU A 214 9.35 24.24 9.71
N GLU A 215 8.93 25.44 9.35
CA GLU A 215 8.71 26.43 10.37
C GLU A 215 7.43 26.20 11.16
N LYS A 216 6.32 25.87 10.49
CA LYS A 216 5.03 25.54 11.17
C LYS A 216 5.12 24.26 12.05
N CYS A 217 5.96 23.35 11.57
CA CYS A 217 6.12 22.03 12.11
C CYS A 217 6.23 21.99 13.61
N ASP A 218 5.49 21.10 14.29
CA ASP A 218 5.72 20.84 15.75
C ASP A 218 6.05 19.38 16.16
N LEU A 219 6.39 18.59 15.15
CA LEU A 219 6.89 17.22 15.30
C LEU A 219 7.40 16.81 13.92
N CYS A 220 8.56 16.16 13.87
CA CYS A 220 9.23 15.89 12.62
C CYS A 220 9.77 14.50 12.64
N LEU A 221 9.40 13.70 11.65
CA LEU A 221 9.82 12.31 11.56
C LEU A 221 10.83 12.20 10.42
N VAL A 222 11.76 11.28 10.56
CA VAL A 222 12.81 11.08 9.59
C VAL A 222 12.81 9.57 9.40
N VAL A 223 12.56 9.14 8.17
CA VAL A 223 12.24 7.74 7.93
C VAL A 223 13.04 7.25 6.76
N GLY A 224 13.75 6.16 6.98
CA GLY A 224 14.59 5.54 5.96
C GLY A 224 15.82 6.34 5.62
N THR A 225 16.41 7.00 6.63
CA THR A 225 17.60 7.87 6.51
C THR A 225 17.81 8.50 7.90
N SER A 226 18.95 9.11 8.15
CA SER A 226 19.20 9.81 9.43
C SER A 226 19.30 11.33 9.20
N SER A 227 19.16 12.06 10.30
CA SER A 227 19.32 13.53 10.40
C SER A 227 20.68 14.01 9.96
N ILE A 228 21.71 13.19 10.20
CA ILE A 228 23.13 13.55 10.03
C ILE A 228 23.55 13.76 8.58
N VAL A 229 22.76 13.29 7.62
CA VAL A 229 23.21 13.13 6.23
C VAL A 229 22.29 13.95 5.32
N TYR A 230 22.76 14.24 4.10
CA TYR A 230 21.94 14.81 3.04
C TYR A 230 20.83 13.83 2.80
N PRO A 231 19.57 14.26 2.75
CA PRO A 231 19.17 15.68 2.76
C PRO A 231 18.54 16.09 4.09
N ALA A 232 18.24 15.13 4.94
CA ALA A 232 17.65 15.43 6.21
C ALA A 232 18.45 16.52 6.97
N ALA A 233 19.78 16.61 6.74
CA ALA A 233 20.62 17.61 7.41
C ALA A 233 20.42 19.08 7.01
N MET A 234 19.71 19.31 5.92
CA MET A 234 19.37 20.66 5.55
C MET A 234 18.23 21.23 6.39
N PHE A 235 17.44 20.35 6.99
CA PHE A 235 16.14 20.73 7.50
C PHE A 235 15.94 20.48 8.98
N ALA A 236 16.32 19.28 9.44
CA ALA A 236 16.27 18.90 10.86
C ALA A 236 16.85 19.94 11.82
N PRO A 237 17.96 20.63 11.48
CA PRO A 237 18.43 21.77 12.26
C PRO A 237 17.40 22.90 12.41
N GLN A 238 16.75 23.28 11.30
CA GLN A 238 15.74 24.35 11.30
C GLN A 238 14.62 24.04 12.29
N VAL A 239 14.30 22.75 12.42
CA VAL A 239 13.24 22.39 13.34
C VAL A 239 13.78 22.22 14.74
N ALA A 240 14.94 21.61 14.88
CA ALA A 240 15.49 21.27 16.19
C ALA A 240 15.83 22.50 16.94
N SER A 241 16.52 23.42 16.30
CA SER A 241 16.80 24.77 16.83
C SER A 241 15.57 25.44 17.44
N ARG A 242 14.39 25.21 16.87
CA ARG A 242 13.12 25.70 17.48
C ARG A 242 12.58 24.84 18.64
N GLY A 243 13.35 23.84 19.10
CA GLY A 243 12.96 22.94 20.17
C GLY A 243 11.90 21.91 19.86
N VAL A 244 11.68 21.63 18.57
CA VAL A 244 10.67 20.65 18.12
C VAL A 244 11.23 19.21 18.14
N PRO A 245 10.44 18.24 18.61
CA PRO A 245 10.98 16.87 18.67
C PRO A 245 11.22 16.25 17.31
N VAL A 246 12.21 15.40 17.21
CA VAL A 246 12.55 14.73 15.94
C VAL A 246 12.74 13.24 16.21
N ALA A 247 12.00 12.44 15.46
CA ALA A 247 11.95 11.00 15.60
C ALA A 247 12.55 10.39 14.34
N GLU A 248 13.64 9.64 14.47
CA GLU A 248 14.20 8.93 13.35
C GLU A 248 13.59 7.52 13.37
N PHE A 249 13.29 6.97 12.20
CA PHE A 249 12.90 5.58 12.08
C PHE A 249 13.73 5.02 10.94
N ASN A 250 14.72 4.20 11.26
CA ASN A 250 15.63 3.68 10.25
C ASN A 250 16.29 2.44 10.80
N MET A 251 17.20 1.86 10.01
CA MET A 251 17.86 0.64 10.37
C MET A 251 19.21 0.86 11.02
N GLU A 252 19.69 2.13 11.06
CA GLU A 252 20.97 2.44 11.67
C GLU A 252 20.88 2.39 13.18
N CYS A 253 21.85 1.71 13.79
CA CYS A 253 22.13 1.74 15.21
C CYS A 253 22.48 3.11 15.70
N THR A 254 22.30 3.30 17.02
CA THR A 254 22.86 4.46 17.76
C THR A 254 23.70 3.85 18.93
N PRO A 255 24.88 4.44 19.25
CA PRO A 255 25.77 3.93 20.30
C PRO A 255 25.07 3.73 21.66
N ALA A 256 25.55 2.74 22.43
CA ALA A 256 24.95 2.36 23.73
C ALA A 256 24.56 3.60 24.57
N THR A 257 25.51 4.54 24.65
CA THR A 257 25.46 5.68 25.58
C THR A 257 24.51 6.85 25.16
N GLN A 258 23.81 6.78 24.01
CA GLN A 258 23.21 8.01 23.37
C GLN A 258 21.76 7.76 22.97
N LYS A 261 16.45 12.61 18.37
CA LYS A 261 16.04 12.80 19.80
C LYS A 261 15.40 11.48 20.33
N TYR A 262 14.45 10.97 19.55
CA TYR A 262 13.95 9.59 19.60
C TYR A 262 14.50 8.84 18.38
N HIS A 263 14.80 7.56 18.55
CA HIS A 263 15.26 6.75 17.44
C HIS A 263 14.67 5.38 17.57
N PHE A 264 13.95 4.94 16.56
CA PHE A 264 13.32 3.65 16.60
C PHE A 264 13.98 2.75 15.56
N GLU A 265 14.85 1.87 16.07
CA GLU A 265 15.68 0.99 15.24
C GLU A 265 14.84 -0.15 14.69
N GLY A 266 15.20 -0.58 13.48
CA GLY A 266 14.47 -1.63 12.79
C GLY A 266 13.79 -1.08 11.55
N PRO A 267 13.07 -1.95 10.82
CA PRO A 267 12.45 -1.58 9.55
C PRO A 267 11.20 -0.66 9.72
N CYS A 268 11.16 0.40 8.92
CA CYS A 268 10.08 1.38 8.87
C CYS A 268 8.73 0.72 8.75
N GLY A 269 8.67 -0.31 7.92
CA GLY A 269 7.47 -1.16 7.76
C GLY A 269 6.94 -1.77 9.05
N SER A 270 7.84 -2.08 9.99
CA SER A 270 7.50 -2.61 11.31
C SER A 270 7.46 -1.55 12.39
N THR A 271 8.46 -0.68 12.41
CA THR A 271 8.50 0.36 13.42
C THR A 271 7.38 1.38 13.26
N LEU A 272 7.04 1.78 12.04
CA LEU A 272 6.25 3.01 11.86
C LEU A 272 4.74 2.89 12.08
N PRO A 273 4.11 1.84 11.55
CA PRO A 273 2.66 1.82 11.77
C PRO A 273 2.17 1.79 13.27
N PRO A 274 2.83 1.02 14.14
CA PRO A 274 2.55 1.08 15.56
C PRO A 274 2.64 2.49 16.15
N ALA A 275 3.65 3.23 15.74
CA ALA A 275 3.82 4.61 16.18
C ALA A 275 2.68 5.54 15.74
N LEU A 276 2.23 5.40 14.49
CA LEU A 276 1.28 6.32 13.92
C LEU A 276 -0.20 5.98 14.11
N GLU A 277 -0.51 4.87 14.78
CA GLU A 277 -1.90 4.39 14.81
C GLU A 277 -2.89 5.36 15.47
N SER B 12 1.56 -26.99 -12.73
CA SER B 12 2.77 -26.29 -12.24
C SER B 12 2.50 -24.77 -12.32
N SER B 13 3.58 -23.99 -12.37
CA SER B 13 3.50 -22.54 -12.34
C SER B 13 4.19 -21.88 -13.58
N ASP B 14 3.75 -22.25 -14.79
CA ASP B 14 4.26 -21.53 -15.97
C ASP B 14 3.61 -20.14 -16.18
N LEU B 15 4.34 -19.14 -15.71
CA LEU B 15 3.87 -17.74 -15.63
C LEU B 15 3.58 -17.11 -16.97
N THR B 16 4.47 -17.32 -17.93
CA THR B 16 4.32 -16.67 -19.22
C THR B 16 3.01 -17.16 -19.91
N ALA B 17 2.56 -18.39 -19.62
CA ALA B 17 1.26 -18.88 -20.18
C ALA B 17 0.06 -18.18 -19.54
N PHE B 18 0.14 -18.03 -18.20
CA PHE B 18 -0.86 -17.27 -17.47
C PHE B 18 -0.98 -15.85 -18.01
N ARG B 19 0.17 -15.22 -18.25
CA ARG B 19 0.21 -13.84 -18.72
C ARG B 19 -0.44 -13.68 -20.07
N GLU B 20 -0.32 -14.68 -20.94
CA GLU B 20 -1.02 -14.64 -22.22
C GLU B 20 -2.52 -14.47 -22.01
N HIS B 21 -3.10 -15.18 -21.04
CA HIS B 21 -4.54 -15.03 -20.78
C HIS B 21 -4.86 -13.68 -20.21
N PHE B 22 -4.04 -13.31 -19.21
CA PHE B 22 -4.13 -12.00 -18.57
C PHE B 22 -4.19 -10.87 -19.62
N ALA B 23 -3.26 -10.93 -20.57
CA ALA B 23 -3.18 -10.02 -21.70
C ALA B 23 -4.50 -9.83 -22.40
N LYS B 24 -5.14 -10.96 -22.72
CA LYS B 24 -6.42 -10.97 -23.45
C LYS B 24 -7.63 -10.57 -22.59
N ALA B 25 -7.74 -11.16 -21.41
CA ALA B 25 -8.89 -11.01 -20.50
C ALA B 25 -9.60 -9.65 -20.38
N LYS B 26 -10.92 -9.64 -20.51
CA LYS B 26 -11.74 -8.41 -20.43
C LYS B 26 -12.64 -8.29 -19.20
N HIS B 27 -13.05 -9.41 -18.60
CA HIS B 27 -13.77 -9.35 -17.33
C HIS B 27 -13.09 -10.39 -16.44
N ILE B 28 -12.26 -9.92 -15.49
CA ILE B 28 -11.49 -10.79 -14.61
C ILE B 28 -12.11 -10.83 -13.22
N ALA B 29 -12.29 -12.02 -12.67
CA ALA B 29 -12.84 -12.11 -11.34
C ALA B 29 -11.75 -12.59 -10.44
N ILE B 30 -11.61 -11.94 -9.29
CA ILE B 30 -10.59 -12.31 -8.33
C ILE B 30 -11.28 -12.61 -7.01
N ILE B 31 -11.12 -13.84 -6.56
CA ILE B 31 -11.73 -14.34 -5.36
C ILE B 31 -10.60 -14.38 -4.32
N THR B 32 -10.80 -13.65 -3.23
CA THR B 32 -9.80 -13.61 -2.19
C THR B 32 -10.27 -14.25 -0.92
N GLY B 33 -9.36 -15.07 -0.38
CA GLY B 33 -9.59 -15.81 0.83
C GLY B 33 -8.81 -15.25 1.97
N ALA B 34 -8.81 -16.02 3.05
CA ALA B 34 -8.17 -15.57 4.30
C ALA B 34 -6.64 -15.39 4.26
N GLY B 35 -5.98 -16.03 3.32
CA GLY B 35 -4.51 -15.90 3.17
C GLY B 35 -4.01 -14.49 2.97
N VAL B 36 -4.85 -13.67 2.34
CA VAL B 36 -4.48 -12.34 1.96
C VAL B 36 -4.58 -11.41 3.19
N SER B 37 -5.59 -11.63 4.02
CA SER B 37 -5.70 -10.89 5.26
C SER B 37 -4.67 -11.38 6.27
N ALA B 38 -4.33 -12.65 6.16
CA ALA B 38 -3.31 -13.25 7.03
C ALA B 38 -1.97 -12.55 6.83
N GLU B 39 -1.60 -12.31 5.56
CA GLU B 39 -0.33 -11.67 5.21
C GLU B 39 -0.18 -10.24 5.71
N SER B 40 -1.29 -9.56 6.00
CA SER B 40 -1.29 -8.26 6.62
C SER B 40 -1.32 -8.34 8.13
N GLY B 41 -1.29 -9.57 8.65
CA GLY B 41 -1.22 -9.80 10.07
C GLY B 41 -2.53 -9.76 10.81
N VAL B 42 -3.64 -9.96 10.11
CA VAL B 42 -4.95 -9.84 10.73
C VAL B 42 -5.17 -11.12 11.47
N PRO B 43 -5.60 -11.04 12.74
CA PRO B 43 -5.99 -12.27 13.44
C PRO B 43 -7.30 -12.86 12.96
N THR B 44 -7.35 -14.18 12.80
CA THR B 44 -8.63 -14.85 12.43
C THR B 44 -9.25 -15.63 13.58
N PHE B 45 -8.60 -15.71 14.73
CA PHE B 45 -9.18 -16.42 15.92
C PHE B 45 -9.67 -17.88 15.71
N ARG B 46 -9.11 -18.56 14.71
CA ARG B 46 -9.46 -19.94 14.36
C ARG B 46 -8.32 -20.94 14.58
N GLY B 47 -7.08 -20.56 14.27
CA GLY B 47 -5.96 -21.48 14.26
C GLY B 47 -5.64 -22.04 15.64
N PRO B 48 -4.48 -22.73 15.75
CA PRO B 48 -4.23 -23.54 16.96
C PRO B 48 -3.88 -22.77 18.23
N GLY B 49 -3.55 -21.49 18.15
CA GLY B 49 -3.41 -20.66 19.34
C GLY B 49 -4.08 -19.31 19.21
N GLY B 50 -4.97 -19.13 18.24
CA GLY B 50 -5.78 -17.92 18.10
C GLY B 50 -7.00 -17.97 19.01
N PHE B 51 -6.84 -17.43 20.23
CA PHE B 51 -7.92 -17.30 21.22
C PHE B 51 -8.12 -15.81 21.52
N TRP B 52 -9.32 -15.45 21.94
CA TRP B 52 -9.61 -14.10 22.45
C TRP B 52 -10.19 -14.35 23.81
N ARG B 53 -9.44 -13.97 24.83
CA ARG B 53 -9.71 -14.36 26.18
C ARG B 53 -9.83 -15.90 26.21
N LYS B 54 -10.96 -16.43 26.69
CA LYS B 54 -11.15 -17.86 26.92
C LYS B 54 -11.53 -18.56 25.59
N TRP B 55 -12.08 -17.80 24.64
CA TRP B 55 -12.81 -18.35 23.46
C TRP B 55 -12.13 -18.22 22.11
N GLN B 56 -12.67 -18.93 21.12
CA GLN B 56 -12.25 -18.82 19.72
C GLN B 56 -13.43 -18.30 18.90
N ALA B 57 -13.20 -18.03 17.62
CA ALA B 57 -14.23 -17.42 16.74
C ALA B 57 -15.56 -18.14 16.81
N GLN B 58 -15.50 -19.48 16.69
CA GLN B 58 -16.73 -20.26 16.65
C GLN B 58 -17.61 -20.10 17.87
N ASP B 59 -17.05 -19.76 19.02
CA ASP B 59 -17.84 -19.55 20.21
C ASP B 59 -18.62 -18.24 20.19
N LEU B 60 -18.05 -17.21 19.57
CA LEU B 60 -18.63 -15.87 19.66
C LEU B 60 -19.33 -15.41 18.42
N ALA B 61 -18.86 -15.91 17.28
CA ALA B 61 -19.36 -15.47 15.96
C ALA B 61 -20.64 -16.24 15.51
N THR B 62 -21.68 -16.21 16.34
CA THR B 62 -22.91 -16.94 16.06
C THR B 62 -24.06 -16.13 16.54
N PRO B 63 -25.25 -16.39 16.01
CA PRO B 63 -26.42 -15.66 16.55
C PRO B 63 -26.78 -16.04 18.00
N GLU B 64 -26.43 -17.27 18.38
CA GLU B 64 -26.62 -17.79 19.73
C GLU B 64 -25.86 -16.93 20.73
N ALA B 65 -24.56 -16.78 20.49
CA ALA B 65 -23.72 -16.02 21.41
C ALA B 65 -24.18 -14.56 21.53
N PHE B 66 -24.67 -13.99 20.44
CA PHE B 66 -25.10 -12.60 20.41
C PHE B 66 -26.39 -12.39 21.19
N SER B 67 -27.35 -13.26 20.93
CA SER B 67 -28.59 -13.30 21.70
C SER B 67 -28.32 -13.55 23.22
N ARG B 68 -27.37 -14.45 23.53
CA ARG B 68 -27.05 -14.82 24.90
C ARG B 68 -26.12 -13.87 25.63
N ASP B 69 -25.29 -13.09 24.94
CA ASP B 69 -24.41 -12.13 25.64
C ASP B 69 -23.92 -11.07 24.65
N PRO B 70 -24.81 -10.17 24.23
CA PRO B 70 -24.37 -9.17 23.26
C PRO B 70 -23.19 -8.25 23.73
N SER B 71 -23.04 -7.99 25.02
CA SER B 71 -21.93 -7.14 25.45
C SER B 71 -20.62 -7.86 25.15
N LEU B 72 -20.56 -9.16 25.44
CA LEU B 72 -19.35 -9.93 25.19
C LEU B 72 -18.99 -9.95 23.70
N VAL B 73 -19.99 -10.15 22.84
CA VAL B 73 -19.73 -10.26 21.42
C VAL B 73 -19.29 -8.91 20.87
N TRP B 74 -20.05 -7.87 21.15
CA TRP B 74 -19.62 -6.53 20.78
C TRP B 74 -18.21 -6.18 21.29
N GLU B 75 -17.86 -6.65 22.49
CA GLU B 75 -16.49 -6.44 22.98
C GLU B 75 -15.50 -7.03 21.98
N PHE B 76 -15.72 -8.28 21.64
CA PHE B 76 -14.93 -9.03 20.63
C PHE B 76 -14.88 -8.31 19.28
N TYR B 77 -16.05 -7.90 18.78
CA TYR B 77 -16.12 -7.20 17.51
C TYR B 77 -15.47 -5.80 17.64
N HIS B 78 -15.67 -5.09 18.75
CA HIS B 78 -14.93 -3.82 19.00
C HIS B 78 -13.41 -4.03 18.90
N TYR B 79 -12.90 -5.05 19.57
CA TYR B 79 -11.48 -5.36 19.50
C TYR B 79 -10.97 -5.52 18.07
N ARG B 80 -11.75 -6.23 17.28
CA ARG B 80 -11.34 -6.56 15.92
C ARG B 80 -11.36 -5.38 15.02
N ARG B 81 -12.33 -4.50 15.26
CA ARG B 81 -12.40 -3.19 14.58
C ARG B 81 -11.15 -2.39 14.86
N GLU B 82 -10.80 -2.35 16.14
CA GLU B 82 -9.67 -1.55 16.59
C GLU B 82 -8.32 -2.11 16.17
N VAL B 83 -8.10 -3.42 16.19
CA VAL B 83 -6.79 -3.89 15.74
C VAL B 83 -6.50 -3.52 14.28
N MET B 84 -7.53 -3.16 13.50
CA MET B 84 -7.25 -2.76 12.11
C MET B 84 -6.52 -1.43 11.96
N ARG B 85 -6.47 -0.60 13.00
CA ARG B 85 -5.76 0.69 12.91
C ARG B 85 -4.25 0.47 12.76
N SER B 86 -3.72 -0.68 13.16
CA SER B 86 -2.31 -1.03 12.91
C SER B 86 -2.04 -1.96 11.71
N LYS B 87 -3.00 -2.75 11.22
CA LYS B 87 -2.71 -3.64 10.09
C LYS B 87 -2.97 -2.89 8.79
N MET B 88 -2.05 -3.02 7.83
CA MET B 88 -2.17 -2.32 6.55
C MET B 88 -2.29 -3.27 5.37
N PRO B 89 -2.86 -2.78 4.25
CA PRO B 89 -2.89 -3.63 3.05
C PRO B 89 -1.50 -4.02 2.63
N ASN B 90 -1.37 -5.23 2.15
CA ASN B 90 -0.12 -5.76 1.66
C ASN B 90 -0.03 -5.65 0.13
N PRO B 91 1.14 -6.00 -0.46
CA PRO B 91 1.30 -5.85 -1.92
C PRO B 91 0.28 -6.56 -2.82
N ALA B 92 -0.27 -7.69 -2.31
CA ALA B 92 -1.33 -8.43 -2.99
C ALA B 92 -2.55 -7.53 -3.10
N HIS B 93 -3.00 -6.97 -1.98
CA HIS B 93 -4.12 -6.01 -1.99
C HIS B 93 -3.88 -4.88 -2.99
N LEU B 94 -2.67 -4.33 -2.94
CA LEU B 94 -2.33 -3.22 -3.77
C LEU B 94 -2.25 -3.55 -5.23
N ALA B 95 -1.65 -4.66 -5.57
CA ALA B 95 -1.50 -5.03 -6.98
C ALA B 95 -2.88 -5.19 -7.66
N ILE B 96 -3.82 -5.73 -6.87
CA ILE B 96 -5.17 -5.97 -7.31
C ILE B 96 -5.85 -4.64 -7.52
N ALA B 97 -5.70 -3.71 -6.57
CA ALA B 97 -6.31 -2.39 -6.73
C ALA B 97 -5.77 -1.60 -7.93
N GLU B 98 -4.49 -1.72 -8.17
CA GLU B 98 -3.85 -0.91 -9.18
C GLU B 98 -4.20 -1.55 -10.50
N CYS B 99 -4.29 -2.88 -10.51
CA CYS B 99 -4.75 -3.61 -11.68
C CYS B 99 -6.13 -3.19 -12.11
N GLU B 100 -7.05 -3.18 -11.15
CA GLU B 100 -8.43 -2.78 -11.40
C GLU B 100 -8.44 -1.44 -12.07
N ALA B 101 -7.70 -0.50 -11.49
CA ALA B 101 -7.67 0.88 -11.98
C ALA B 101 -7.09 0.93 -13.39
N ARG B 102 -5.92 0.33 -13.58
CA ARG B 102 -5.25 0.33 -14.88
C ARG B 102 -6.14 -0.30 -15.95
N LEU B 103 -6.70 -1.48 -15.69
CA LEU B 103 -7.59 -2.11 -16.67
C LEU B 103 -8.85 -1.30 -16.92
N GLY B 104 -9.36 -0.64 -15.89
CA GLY B 104 -10.52 0.22 -16.02
C GLY B 104 -10.36 1.26 -17.11
N GLN B 105 -9.21 1.94 -17.12
CA GLN B 105 -8.84 2.91 -18.18
C GLN B 105 -8.83 2.30 -19.58
N GLN B 106 -8.41 1.05 -19.68
CA GLN B 106 -8.46 0.27 -20.94
C GLN B 106 -9.85 -0.31 -21.27
N GLY B 107 -10.90 0.03 -20.51
CA GLY B 107 -12.23 -0.57 -20.74
C GLY B 107 -12.38 -2.07 -20.45
N ARG B 108 -11.39 -2.67 -19.80
CA ARG B 108 -11.47 -4.02 -19.30
C ARG B 108 -11.96 -3.90 -17.88
N SER B 109 -12.29 -5.00 -17.23
CA SER B 109 -12.71 -4.92 -15.83
C SER B 109 -12.22 -6.03 -14.89
N VAL B 110 -12.24 -5.66 -13.60
CA VAL B 110 -11.78 -6.47 -12.50
C VAL B 110 -12.76 -6.33 -11.33
N VAL B 111 -13.27 -7.50 -10.89
CA VAL B 111 -14.13 -7.61 -9.69
C VAL B 111 -13.44 -8.41 -8.62
N ILE B 112 -13.70 -8.02 -7.39
CA ILE B 112 -13.15 -8.72 -6.26
C ILE B 112 -14.31 -9.27 -5.48
N ILE B 113 -14.17 -10.54 -5.12
CA ILE B 113 -15.17 -11.32 -4.40
C ILE B 113 -14.33 -11.79 -3.24
N THR B 114 -14.51 -11.17 -2.09
CA THR B 114 -13.71 -11.54 -0.96
C THR B 114 -14.57 -12.18 0.13
N GLN B 115 -14.03 -13.26 0.74
CA GLN B 115 -14.60 -13.79 1.96
C GLN B 115 -14.11 -13.05 3.22
N ASN B 116 -13.26 -12.04 3.07
CA ASN B 116 -12.63 -11.33 4.18
C ASN B 116 -13.46 -10.19 4.63
N ILE B 117 -13.37 -9.81 5.91
CA ILE B 117 -14.26 -8.80 6.50
C ILE B 117 -13.62 -7.49 7.04
N ASP B 118 -12.42 -7.22 6.55
CA ASP B 118 -11.55 -6.24 7.17
C ASP B 118 -11.39 -4.96 6.38
N GLU B 119 -12.00 -4.91 5.21
CA GLU B 119 -11.94 -3.75 4.29
C GLU B 119 -10.53 -3.39 3.82
N LEU B 120 -9.56 -4.30 3.91
CA LEU B 120 -8.28 -4.03 3.33
C LEU B 120 -8.32 -3.82 1.80
N HIS B 121 -9.25 -4.45 1.08
CA HIS B 121 -9.34 -4.19 -0.35
C HIS B 121 -9.76 -2.73 -0.62
N HIS B 122 -10.67 -2.18 0.22
CA HIS B 122 -11.17 -0.80 0.09
C HIS B 122 -10.04 0.17 0.39
N ARG B 123 -9.26 -0.19 1.40
CA ARG B 123 -8.11 0.58 1.84
C ARG B 123 -6.89 0.48 0.94
N ALA B 124 -6.83 -0.50 0.08
CA ALA B 124 -5.80 -0.48 -0.95
C ALA B 124 -6.23 0.32 -2.15
N GLY B 125 -7.51 0.66 -2.21
CA GLY B 125 -8.07 1.36 -3.36
C GLY B 125 -8.91 0.56 -4.33
N SER B 126 -9.19 -0.70 -4.00
CA SER B 126 -10.12 -1.48 -4.82
C SER B 126 -11.55 -0.84 -4.64
N LYS B 127 -12.38 -0.96 -5.69
CA LYS B 127 -13.73 -0.34 -5.67
C LYS B 127 -14.86 -1.32 -5.98
N HIS B 128 -14.71 -2.09 -7.04
CA HIS B 128 -15.69 -3.06 -7.48
C HIS B 128 -15.39 -4.34 -6.70
N VAL B 129 -15.69 -4.30 -5.40
CA VAL B 129 -15.43 -5.39 -4.44
C VAL B 129 -16.77 -5.90 -3.98
N TYR B 130 -16.95 -7.23 -3.87
CA TYR B 130 -18.13 -7.81 -3.25
C TYR B 130 -17.75 -8.49 -1.93
N GLU B 131 -18.18 -7.97 -0.78
CA GLU B 131 -17.85 -8.59 0.53
C GLU B 131 -18.95 -9.60 0.88
N ILE B 132 -18.71 -10.88 0.56
CA ILE B 132 -19.75 -11.90 0.68
C ILE B 132 -20.00 -12.29 2.12
N HIS B 133 -19.01 -12.09 2.99
CA HIS B 133 -19.18 -12.38 4.41
C HIS B 133 -19.38 -11.10 5.22
N GLY B 134 -19.51 -9.98 4.51
CA GLY B 134 -19.88 -8.73 5.18
C GLY B 134 -18.62 -8.03 5.64
N SER B 135 -18.77 -7.22 6.69
CA SER B 135 -17.74 -6.28 7.08
C SER B 135 -17.78 -5.87 8.56
N LEU B 136 -16.59 -5.84 9.15
CA LEU B 136 -16.43 -5.34 10.49
C LEU B 136 -16.86 -3.89 10.64
N PHE B 137 -16.92 -3.14 9.56
CA PHE B 137 -17.24 -1.73 9.60
C PHE B 137 -18.53 -1.48 8.87
N LYS B 138 -19.48 -2.38 9.10
CA LYS B 138 -20.89 -2.13 8.79
C LYS B 138 -21.71 -2.67 9.93
N THR B 139 -22.83 -2.02 10.22
CA THR B 139 -23.82 -2.54 11.16
C THR B 139 -25.13 -2.89 10.46
N ARG B 140 -25.92 -3.77 11.07
CA ARG B 140 -27.31 -4.00 10.67
C ARG B 140 -28.18 -3.83 11.92
N CYS B 141 -29.30 -3.14 11.79
CA CYS B 141 -30.21 -2.97 12.92
C CYS B 141 -30.97 -4.27 13.17
N MET B 142 -30.90 -4.77 14.41
CA MET B 142 -31.74 -5.91 14.78
C MET B 142 -33.23 -5.57 14.57
N SER B 143 -33.62 -4.31 14.73
CA SER B 143 -35.03 -3.99 14.67
C SER B 143 -35.46 -3.68 13.24
N CYS B 144 -34.97 -2.58 12.66
CA CYS B 144 -35.35 -2.19 11.28
C CYS B 144 -34.49 -2.75 10.14
N GLY B 145 -33.48 -3.56 10.40
CA GLY B 145 -32.65 -4.17 9.35
C GLY B 145 -31.79 -3.30 8.42
N GLU B 146 -31.63 -2.03 8.75
CA GLU B 146 -30.87 -1.10 7.90
C GLU B 146 -29.35 -1.33 8.01
N VAL B 147 -28.70 -1.39 6.87
CA VAL B 147 -27.25 -1.55 6.84
C VAL B 147 -26.60 -0.21 6.75
N LYS B 148 -25.62 0.07 7.60
CA LYS B 148 -24.97 1.36 7.60
C LYS B 148 -23.46 1.22 7.83
N ALA B 149 -22.67 2.01 7.09
CA ALA B 149 -21.22 1.98 7.20
C ALA B 149 -20.89 2.56 8.55
N ASN B 150 -19.81 2.11 9.18
CA ASN B 150 -19.40 2.71 10.44
C ASN B 150 -17.92 2.42 10.79
N HIS B 151 -17.10 3.45 10.95
CA HIS B 151 -15.71 3.28 11.44
C HIS B 151 -15.39 4.02 12.73
N LYS B 152 -16.36 4.83 13.19
CA LYS B 152 -16.47 5.37 14.57
C LYS B 152 -15.67 4.54 15.59
N SER B 153 -14.66 5.14 16.19
CA SER B 153 -13.72 4.43 17.04
C SER B 153 -13.57 5.18 18.36
N PRO B 154 -14.17 4.75 19.47
CA PRO B 154 -14.94 3.55 19.57
C PRO B 154 -16.35 3.69 19.01
N ILE B 155 -16.87 2.59 18.49
CA ILE B 155 -18.20 2.52 17.89
C ILE B 155 -19.28 3.17 18.75
N CYS B 156 -19.09 3.11 20.07
CA CYS B 156 -19.86 3.87 21.03
C CYS B 156 -19.04 4.03 22.32
N PRO B 157 -19.37 5.05 23.14
CA PRO B 157 -18.57 5.31 24.34
C PRO B 157 -18.46 4.13 25.30
N ALA B 158 -19.58 3.54 25.69
CA ALA B 158 -19.57 2.40 26.61
C ALA B 158 -18.48 1.33 26.33
N LEU B 159 -18.08 1.19 25.07
CA LEU B 159 -17.02 0.23 24.66
C LEU B 159 -15.59 0.80 24.68
N ASP B 160 -15.43 2.07 25.06
CA ASP B 160 -14.16 2.77 24.90
C ASP B 160 -13.05 2.09 25.70
N GLY B 161 -11.98 1.69 25.02
CA GLY B 161 -10.90 0.92 25.65
C GLY B 161 -11.31 -0.44 26.21
N LYS B 162 -12.43 -1.02 25.72
CA LYS B 162 -12.87 -2.31 26.16
C LYS B 162 -12.40 -3.34 25.14
N GLY B 163 -12.92 -4.56 25.25
CA GLY B 163 -12.58 -5.65 24.35
C GLY B 163 -11.14 -6.12 24.44
N ALA B 164 -10.48 -5.85 25.54
CA ALA B 164 -9.08 -6.24 25.69
C ALA B 164 -8.98 -7.77 25.62
N PRO B 165 -8.01 -8.32 24.84
CA PRO B 165 -7.85 -9.76 24.54
C PRO B 165 -7.20 -10.70 25.59
N ASP B 166 -6.77 -10.16 26.72
CA ASP B 166 -6.12 -10.98 27.76
C ASP B 166 -7.13 -11.94 28.47
N PRO B 167 -6.79 -13.27 28.52
CA PRO B 167 -7.59 -14.38 29.13
C PRO B 167 -8.33 -14.08 30.46
N ASN B 168 -7.70 -13.30 31.33
CA ASN B 168 -8.26 -12.90 32.61
C ASN B 168 -8.50 -11.40 32.66
N THR B 169 -8.95 -10.84 31.53
CA THR B 169 -9.60 -9.52 31.53
C THR B 169 -11.02 -9.74 32.05
N LYS B 170 -11.57 -8.76 32.76
CA LYS B 170 -12.96 -8.90 33.21
C LYS B 170 -13.90 -8.40 32.13
N GLU B 171 -15.05 -9.08 32.01
CA GLU B 171 -16.16 -8.67 31.19
C GLU B 171 -16.62 -7.22 31.48
N ALA B 172 -16.97 -6.50 30.42
CA ALA B 172 -17.46 -5.12 30.53
C ALA B 172 -18.91 -5.07 30.99
N ARG B 173 -19.72 -6.06 30.61
CA ARG B 173 -21.12 -6.24 31.05
C ARG B 173 -21.92 -4.96 30.81
N ILE B 174 -21.79 -4.44 29.60
CA ILE B 174 -22.42 -3.18 29.22
C ILE B 174 -23.94 -3.43 29.11
N PRO B 175 -24.74 -2.57 29.75
CA PRO B 175 -26.16 -2.66 29.54
C PRO B 175 -26.49 -2.50 28.07
N VAL B 176 -27.42 -3.32 27.60
CA VAL B 176 -27.81 -3.35 26.22
C VAL B 176 -28.33 -2.02 25.67
N GLU B 177 -28.95 -1.20 26.51
CA GLU B 177 -29.36 0.15 26.07
C GLU B 177 -28.16 0.97 25.56
N LEU B 178 -27.00 0.81 26.20
CA LEU B 178 -25.78 1.58 25.85
C LEU B 178 -24.85 0.97 24.78
N LEU B 179 -25.13 -0.28 24.37
CA LEU B 179 -24.47 -0.91 23.21
C LEU B 179 -24.81 -0.07 21.95
N PRO B 180 -24.16 -0.36 20.82
CA PRO B 180 -24.38 0.56 19.69
C PRO B 180 -25.82 0.44 19.16
N ARG B 181 -26.45 1.57 18.87
CA ARG B 181 -27.88 1.62 18.50
C ARG B 181 -28.18 2.36 17.21
N CYS B 182 -29.37 2.13 16.68
CA CYS B 182 -29.79 2.65 15.39
C CYS B 182 -30.01 4.16 15.45
N GLU B 183 -29.57 4.85 14.43
CA GLU B 183 -29.53 6.31 14.42
C GLU B 183 -30.89 6.95 14.10
N ARG B 184 -31.74 6.23 13.38
CA ARG B 184 -33.10 6.71 13.05
C ARG B 184 -33.84 6.71 14.38
N LYS B 185 -34.32 7.86 14.81
CA LYS B 185 -34.83 8.04 16.21
C LYS B 185 -36.21 7.42 16.47
N SER B 186 -37.04 7.37 15.43
CA SER B 186 -38.14 6.44 15.32
C SER B 186 -37.79 5.07 15.94
N CYS B 187 -36.66 4.52 15.51
CA CYS B 187 -36.24 3.14 15.85
C CYS B 187 -35.50 2.94 17.19
N ASN B 188 -34.36 3.62 17.34
CA ASN B 188 -33.36 3.32 18.40
C ASN B 188 -33.08 1.80 18.64
N GLY B 189 -33.12 1.01 17.56
CA GLY B 189 -32.91 -0.44 17.65
C GLY B 189 -31.48 -0.80 18.02
N LEU B 190 -31.28 -2.04 18.45
CA LEU B 190 -29.95 -2.58 18.80
C LEU B 190 -29.21 -3.02 17.51
N LEU B 191 -27.98 -2.59 17.35
CA LEU B 191 -27.22 -2.97 16.18
C LEU B 191 -26.41 -4.25 16.45
N ARG B 192 -26.09 -4.95 15.36
CA ARG B 192 -25.11 -6.05 15.34
C ARG B 192 -24.10 -5.82 14.20
N PRO B 193 -22.93 -6.47 14.26
CA PRO B 193 -22.01 -6.36 13.15
C PRO B 193 -22.60 -7.00 11.92
N HIS B 194 -22.46 -6.36 10.77
CA HIS B 194 -23.03 -6.88 9.52
C HIS B 194 -22.01 -7.79 8.90
N VAL B 195 -21.86 -8.93 9.57
CA VAL B 195 -21.00 -9.98 9.13
C VAL B 195 -21.83 -11.23 9.10
N VAL B 196 -21.50 -12.14 8.21
CA VAL B 196 -22.08 -13.49 8.23
C VAL B 196 -21.41 -14.32 9.33
N TRP B 197 -22.26 -14.79 10.25
CA TRP B 197 -21.84 -15.63 11.37
C TRP B 197 -21.89 -17.11 11.04
N PHE B 198 -21.37 -17.95 11.95
CA PHE B 198 -21.39 -19.39 11.75
C PHE B 198 -22.83 -19.86 11.78
N GLY B 199 -23.14 -20.66 10.77
CA GLY B 199 -24.49 -21.09 10.57
C GLY B 199 -25.47 -20.09 9.98
N GLU B 200 -24.99 -18.99 9.38
CA GLU B 200 -25.85 -18.10 8.58
C GLU B 200 -25.50 -18.26 7.12
N THR B 201 -26.40 -17.79 6.30
CA THR B 201 -26.35 -18.02 4.89
C THR B 201 -25.93 -16.77 4.19
N LEU B 202 -25.43 -16.92 2.99
CA LEU B 202 -25.10 -15.74 2.21
C LEU B 202 -26.35 -14.99 1.78
N ASP B 203 -26.23 -13.67 1.69
CA ASP B 203 -27.29 -12.77 1.23
C ASP B 203 -27.60 -13.12 -0.19
N SER B 204 -28.87 -13.34 -0.52
CA SER B 204 -29.23 -13.78 -1.89
C SER B 204 -28.95 -12.76 -3.01
N ASP B 205 -29.20 -11.46 -2.79
CA ASP B 205 -28.87 -10.41 -3.76
C ASP B 205 -27.38 -10.35 -4.12
N ILE B 206 -26.51 -10.42 -3.11
CA ILE B 206 -25.07 -10.45 -3.34
C ILE B 206 -24.76 -11.65 -4.25
N LEU B 207 -25.25 -12.83 -3.89
CA LEU B 207 -25.02 -13.99 -4.74
C LEU B 207 -25.49 -13.80 -6.15
N THR B 208 -26.58 -13.08 -6.36
CA THR B 208 -27.10 -12.86 -7.74
C THR B 208 -26.20 -11.99 -8.57
N ALA B 209 -25.61 -11.00 -7.91
CA ALA B 209 -24.61 -10.16 -8.56
C ALA B 209 -23.35 -10.97 -8.90
N VAL B 210 -22.91 -11.79 -7.97
CA VAL B 210 -21.68 -12.52 -8.13
C VAL B 210 -21.87 -13.50 -9.29
N GLU B 211 -23.06 -14.07 -9.35
CA GLU B 211 -23.42 -14.95 -10.44
C GLU B 211 -23.31 -14.19 -11.74
N ARG B 212 -23.90 -13.01 -11.77
CA ARG B 212 -23.82 -12.16 -12.95
C ARG B 212 -22.36 -11.93 -13.34
N GLU B 213 -21.50 -11.60 -12.36
CA GLU B 213 -20.08 -11.30 -12.65
C GLU B 213 -19.33 -12.52 -13.10
N LEU B 214 -19.61 -13.65 -12.48
CA LEU B 214 -18.97 -14.87 -12.92
C LEU B 214 -19.47 -15.41 -14.26
N GLU B 215 -20.60 -14.92 -14.73
CA GLU B 215 -21.00 -15.21 -16.10
C GLU B 215 -20.14 -14.48 -17.13
N LYS B 216 -19.91 -13.17 -16.93
CA LYS B 216 -19.05 -12.35 -17.82
C LYS B 216 -17.57 -12.80 -17.82
N CYS B 217 -17.16 -13.28 -16.66
CA CYS B 217 -15.78 -13.60 -16.34
C CYS B 217 -15.08 -14.39 -17.42
N ASP B 218 -13.89 -13.98 -17.86
CA ASP B 218 -13.06 -14.79 -18.79
C ASP B 218 -11.61 -15.14 -18.33
N LEU B 219 -11.39 -14.93 -17.03
CA LEU B 219 -10.17 -15.34 -16.32
C LEU B 219 -10.49 -15.16 -14.85
N CYS B 220 -10.08 -16.12 -14.03
CA CYS B 220 -10.48 -16.12 -12.63
C CYS B 220 -9.30 -16.46 -11.76
N LEU B 221 -9.03 -15.60 -10.80
CA LEU B 221 -7.88 -15.80 -9.90
C LEU B 221 -8.41 -16.15 -8.53
N VAL B 222 -7.65 -16.95 -7.83
CA VAL B 222 -8.06 -17.41 -6.51
C VAL B 222 -6.83 -17.15 -5.65
N VAL B 223 -7.02 -16.33 -4.63
CA VAL B 223 -5.90 -15.80 -3.93
C VAL B 223 -6.14 -15.93 -2.45
N GLY B 224 -5.17 -16.55 -1.77
CA GLY B 224 -5.22 -16.71 -0.32
C GLY B 224 -6.21 -17.75 0.10
N THR B 225 -6.37 -18.80 -0.71
CA THR B 225 -7.32 -19.91 -0.49
C THR B 225 -7.24 -20.78 -1.74
N SER B 226 -7.75 -22.02 -1.68
CA SER B 226 -7.83 -22.85 -2.88
C SER B 226 -9.27 -22.95 -3.38
N SER B 227 -9.39 -23.30 -4.67
CA SER B 227 -10.68 -23.52 -5.33
C SER B 227 -11.45 -24.67 -4.73
N ILE B 228 -10.76 -25.68 -4.17
CA ILE B 228 -11.44 -26.89 -3.71
C ILE B 228 -12.14 -26.75 -2.36
N VAL B 229 -12.03 -25.59 -1.69
CA VAL B 229 -12.51 -25.44 -0.31
C VAL B 229 -13.61 -24.41 -0.21
N TYR B 230 -14.57 -24.65 0.70
CA TYR B 230 -15.70 -23.71 0.90
C TYR B 230 -15.07 -22.50 1.46
N PRO B 231 -15.33 -21.29 0.97
CA PRO B 231 -16.35 -21.00 0.02
C PRO B 231 -15.80 -20.72 -1.42
N ALA B 232 -14.50 -20.58 -1.59
CA ALA B 232 -13.98 -20.44 -2.94
C ALA B 232 -14.52 -21.50 -3.93
N ALA B 233 -14.88 -22.69 -3.44
CA ALA B 233 -15.50 -23.77 -4.24
C ALA B 233 -16.86 -23.53 -4.84
N MET B 234 -17.55 -22.49 -4.37
CA MET B 234 -18.80 -22.10 -4.96
C MET B 234 -18.65 -21.40 -6.27
N PHE B 235 -17.46 -20.88 -6.54
CA PHE B 235 -17.26 -20.00 -7.68
C PHE B 235 -16.30 -20.64 -8.70
N ALA B 236 -15.07 -20.94 -8.26
CA ALA B 236 -14.00 -21.28 -9.22
C ALA B 236 -14.30 -22.53 -10.13
N PRO B 237 -14.90 -23.58 -9.56
CA PRO B 237 -15.44 -24.67 -10.34
C PRO B 237 -16.49 -24.27 -11.37
N GLN B 238 -17.43 -23.41 -10.98
CA GLN B 238 -18.51 -22.95 -11.89
C GLN B 238 -17.93 -22.33 -13.17
N VAL B 239 -16.80 -21.68 -13.00
CA VAL B 239 -16.15 -20.97 -14.06
C VAL B 239 -15.26 -21.94 -14.82
N ALA B 240 -14.51 -22.78 -14.10
CA ALA B 240 -13.52 -23.64 -14.72
C ALA B 240 -14.18 -24.68 -15.57
N SER B 241 -15.21 -25.31 -15.03
CA SER B 241 -16.06 -26.24 -15.78
C SER B 241 -16.53 -25.68 -17.13
N ARG B 242 -16.77 -24.37 -17.23
CA ARG B 242 -17.06 -23.71 -18.52
C ARG B 242 -15.81 -23.42 -19.39
N GLY B 243 -14.65 -23.93 -19.01
CA GLY B 243 -13.42 -23.80 -19.77
C GLY B 243 -12.72 -22.47 -19.69
N VAL B 244 -13.04 -21.66 -18.68
CA VAL B 244 -12.30 -20.43 -18.36
C VAL B 244 -11.06 -20.75 -17.51
N PRO B 245 -9.91 -20.14 -17.79
CA PRO B 245 -8.72 -20.49 -16.96
C PRO B 245 -8.83 -20.00 -15.53
N VAL B 246 -8.21 -20.73 -14.62
CA VAL B 246 -8.27 -20.41 -13.21
C VAL B 246 -6.87 -20.54 -12.62
N ALA B 247 -6.42 -19.47 -11.97
CA ALA B 247 -5.07 -19.37 -11.42
C ALA B 247 -5.18 -19.27 -9.92
N GLU B 248 -4.59 -20.22 -9.20
CA GLU B 248 -4.58 -20.11 -7.75
C GLU B 248 -3.29 -19.45 -7.35
N PHE B 249 -3.32 -18.60 -6.33
CA PHE B 249 -2.12 -18.04 -5.72
C PHE B 249 -2.30 -18.23 -4.23
N ASN B 250 -1.58 -19.14 -3.61
CA ASN B 250 -1.69 -19.34 -2.16
C ASN B 250 -0.41 -20.02 -1.69
N MET B 251 -0.28 -20.16 -0.40
CA MET B 251 0.84 -20.95 0.11
C MET B 251 0.32 -22.01 1.03
N GLU B 252 -0.90 -22.41 0.73
CA GLU B 252 -1.60 -23.49 1.43
C GLU B 252 -1.02 -24.83 1.02
N CYS B 253 -0.15 -24.83 0.00
CA CYS B 253 0.74 -25.97 -0.23
C CYS B 253 -0.14 -27.10 -0.72
N THR B 254 -1.10 -26.75 -1.57
CA THR B 254 -2.15 -27.71 -1.97
C THR B 254 -1.36 -28.85 -2.65
N PRO B 255 -1.70 -30.15 -2.34
CA PRO B 255 -1.03 -31.30 -3.03
C PRO B 255 -1.10 -31.21 -4.55
N ALA B 256 -0.12 -31.78 -5.26
CA ALA B 256 -0.13 -31.86 -6.74
C ALA B 256 -1.54 -32.19 -7.29
N THR B 257 -2.16 -33.20 -6.68
CA THR B 257 -3.44 -33.79 -7.10
C THR B 257 -4.75 -32.97 -6.84
N GLN B 258 -4.67 -31.77 -6.27
CA GLN B 258 -5.84 -30.89 -6.01
C GLN B 258 -5.75 -29.46 -6.56
N ARG B 259 -4.67 -29.14 -7.28
CA ARG B 259 -4.46 -27.78 -7.80
C ARG B 259 -5.48 -27.52 -8.91
N PHE B 260 -5.50 -26.31 -9.48
CA PHE B 260 -6.20 -26.11 -10.77
C PHE B 260 -5.13 -25.93 -11.87
N LYS B 261 -5.56 -25.69 -13.10
CA LYS B 261 -4.60 -25.56 -14.23
C LYS B 261 -3.24 -24.90 -13.85
N TYR B 262 -3.31 -23.65 -13.37
CA TYR B 262 -2.13 -22.87 -12.94
C TYR B 262 -2.13 -22.67 -11.42
N HIS B 263 -0.98 -22.83 -10.79
CA HIS B 263 -0.86 -22.60 -9.36
C HIS B 263 0.47 -21.97 -9.09
N PHE B 264 0.45 -20.82 -8.43
CA PHE B 264 1.67 -20.15 -8.05
C PHE B 264 1.83 -20.21 -6.53
N GLU B 265 2.72 -21.12 -6.10
CA GLU B 265 3.00 -21.38 -4.68
C GLU B 265 3.84 -20.26 -4.08
N GLY B 266 3.60 -19.99 -2.81
CA GLY B 266 4.26 -18.93 -2.09
C GLY B 266 3.28 -17.85 -1.71
N PRO B 267 3.76 -16.81 -0.99
CA PRO B 267 2.93 -15.68 -0.55
C PRO B 267 2.40 -14.77 -1.69
N CYS B 268 1.11 -14.49 -1.62
CA CYS B 268 0.40 -13.61 -2.53
C CYS B 268 1.08 -12.28 -2.72
N GLY B 269 1.62 -11.74 -1.61
CA GLY B 269 2.47 -10.55 -1.59
C GLY B 269 3.65 -10.58 -2.57
N SER B 270 4.22 -11.78 -2.74
CA SER B 270 5.34 -12.02 -3.66
C SER B 270 4.92 -12.57 -4.99
N THR B 271 4.03 -13.57 -4.97
CA THR B 271 3.60 -14.18 -6.21
C THR B 271 2.77 -13.23 -7.06
N LEU B 272 1.89 -12.41 -6.47
CA LEU B 272 0.84 -11.78 -7.26
C LEU B 272 1.23 -10.52 -8.04
N PRO B 273 2.00 -9.62 -7.43
CA PRO B 273 2.29 -8.42 -8.22
C PRO B 273 3.05 -8.65 -9.57
N PRO B 274 4.04 -9.57 -9.60
CA PRO B 274 4.67 -9.95 -10.85
C PRO B 274 3.69 -10.43 -11.90
N ALA B 275 2.71 -11.21 -11.49
CA ALA B 275 1.67 -11.67 -12.40
C ALA B 275 0.80 -10.56 -12.99
N LEU B 276 0.42 -9.59 -12.16
CA LEU B 276 -0.53 -8.58 -12.58
C LEU B 276 0.06 -7.31 -13.21
N GLU B 277 1.38 -7.23 -13.34
CA GLU B 277 2.01 -5.97 -13.76
C GLU B 277 1.61 -5.49 -15.17
N VAL C 2 20.99 24.84 -4.09
CA VAL C 2 21.58 23.79 -3.31
C VAL C 2 21.99 22.62 -4.20
N LEU C 3 23.29 22.38 -4.25
CA LEU C 3 23.85 21.27 -4.98
C LEU C 3 23.40 19.97 -4.33
N LYS C 4 23.08 18.99 -5.16
CA LYS C 4 22.58 17.69 -4.69
C LYS C 4 23.71 16.85 -4.07
N GLU C 5 23.55 16.58 -2.77
CA GLU C 5 24.49 15.82 -1.95
C GLU C 5 25.57 16.75 -1.42
N TYR C 6 25.32 18.06 -1.58
CA TYR C 6 26.28 19.09 -1.24
C TYR C 6 27.48 19.00 -2.19
N GLY C 7 27.27 18.38 -3.34
CA GLY C 7 28.35 18.16 -4.31
C GLY C 7 29.23 16.98 -3.96
N VAL C 8 28.72 16.07 -3.13
CA VAL C 8 29.52 14.97 -2.59
C VAL C 8 31.00 15.30 -2.58
N VAL D 2 20.98 24.87 -4.06
CA VAL D 2 21.58 23.81 -3.28
C VAL D 2 22.00 22.67 -4.18
N LEU D 3 23.31 22.45 -4.24
CA LEU D 3 23.89 21.37 -5.00
C LEU D 3 23.53 20.04 -4.36
N LYS D 4 23.02 19.13 -5.16
CA LYS D 4 22.68 17.78 -4.70
C LYS D 4 23.87 17.14 -3.97
N GLU D 5 23.55 16.24 -3.04
CA GLU D 5 24.49 15.70 -2.04
C GLU D 5 25.53 16.71 -1.54
N TYR D 6 25.22 18.00 -1.67
CA TYR D 6 26.17 19.05 -1.32
C TYR D 6 27.37 19.01 -2.26
N GLY D 7 27.21 18.33 -3.40
CA GLY D 7 28.30 18.14 -4.36
C GLY D 7 29.20 16.97 -4.02
N VAL D 8 28.72 16.08 -3.14
CA VAL D 8 29.53 14.99 -2.61
C VAL D 8 31.01 15.33 -2.64
#